data_6RJ8
#
_entry.id   6RJ8
#
_cell.length_a   82.838
_cell.length_b   82.838
_cell.length_c   247.556
_cell.angle_alpha   90.000
_cell.angle_beta   90.000
_cell.angle_gamma   120.000
#
_symmetry.space_group_name_H-M   'P 65 2 2'
#
loop_
_entity.id
_entity.type
_entity.pdbx_description
1 polymer 'alpha-beta hydrolase CorS'
2 non-polymer 'TETRAETHYLENE GLYCOL'
3 non-polymer DI(HYDROXYETHYL)ETHER
4 non-polymer 1,2-ETHANEDIOL
5 water water
#
_entity_poly.entity_id   1
_entity_poly.type   'polypeptide(L)'
_entity_poly.pdbx_seq_one_letter_code
;GPANSTANSDEIVFDLHPYIRVFKNGKVERLHDTPYVPPSLEDPATGVSWKDVPISSDVSARVYLPKISEAEKKKLPIFV
YFHGAGFCLESAFKSFFHTYVKHVVAETKAVGVSVEYRLAPEHPLPAAYEDCWTALQWVASHVGLDNSSLKNAIDKEPWI
INHGDLNKLYLGGDSPGGNIVHNVLIRAGKESLHGGVKIRGAILYYPYFLIRTSKRQSDYMEIDYRGYWKLAYPSAPGGT
DNPMINPVAKNAPDLAGYGCSRLLVSMVSDETRDITLLYLEALKKSGWKGELEVGDYEAHFFDLFSPENEVGKTWIKRSS
DFINKE
;
_entity_poly.pdbx_strand_id   A
#
# COMPACT_ATOMS: atom_id res chain seq x y z
N ASP A 10 31.34 -2.82 12.15
CA ASP A 10 32.33 -3.14 11.07
C ASP A 10 31.90 -4.42 10.34
N GLU A 11 31.50 -5.44 11.11
CA GLU A 11 31.19 -6.84 10.67
C GLU A 11 29.80 -6.93 10.02
N ILE A 12 29.70 -7.53 8.83
CA ILE A 12 28.44 -7.61 8.01
C ILE A 12 27.90 -9.04 8.04
N VAL A 13 26.61 -9.20 8.34
CA VAL A 13 25.90 -10.51 8.41
C VAL A 13 24.97 -10.69 7.20
N PHE A 14 24.47 -9.61 6.59
CA PHE A 14 23.59 -9.63 5.40
C PHE A 14 23.90 -8.40 4.56
N ASP A 15 24.07 -8.64 3.26
N ASP A 15 24.16 -8.55 3.25
CA ASP A 15 24.54 -7.62 2.30
CA ASP A 15 24.57 -7.40 2.39
C ASP A 15 23.64 -7.66 1.08
C ASP A 15 23.86 -7.49 1.03
N LEU A 16 22.91 -6.57 0.82
CA LEU A 16 22.13 -6.45 -0.43
C LEU A 16 22.36 -5.06 -1.02
N HIS A 17 23.46 -4.86 -1.77
CA HIS A 17 23.73 -3.58 -2.47
C HIS A 17 22.70 -3.40 -3.57
N PRO A 18 22.25 -2.15 -3.79
CA PRO A 18 22.64 -0.99 -2.97
C PRO A 18 21.68 -0.61 -1.84
N TYR A 19 20.85 -1.55 -1.40
CA TYR A 19 19.61 -1.27 -0.61
C TYR A 19 19.82 -1.37 0.89
N ILE A 20 20.45 -2.44 1.38
CA ILE A 20 20.38 -2.72 2.84
C ILE A 20 21.55 -3.61 3.26
N ARG A 21 22.13 -3.28 4.41
CA ARG A 21 23.22 -4.04 5.02
C ARG A 21 22.86 -4.19 6.51
N VAL A 22 23.06 -5.40 7.04
CA VAL A 22 22.86 -5.71 8.48
C VAL A 22 24.23 -6.08 9.06
N PHE A 23 24.55 -5.50 10.23
CA PHE A 23 25.83 -5.70 10.94
C PHE A 23 25.62 -6.74 12.04
N LYS A 24 26.71 -7.40 12.47
CA LYS A 24 26.74 -8.39 13.58
C LYS A 24 26.09 -7.77 14.83
N ASN A 25 26.39 -6.50 15.09
CA ASN A 25 25.92 -5.74 16.28
C ASN A 25 24.43 -5.38 16.14
N GLY A 26 23.77 -5.75 15.03
CA GLY A 26 22.31 -5.61 14.84
C GLY A 26 21.93 -4.32 14.15
N LYS A 27 22.91 -3.44 13.87
CA LYS A 27 22.71 -2.19 13.11
C LYS A 27 22.21 -2.52 11.70
N VAL A 28 21.25 -1.74 11.21
CA VAL A 28 20.74 -1.84 9.81
C VAL A 28 21.01 -0.52 9.11
N GLU A 29 21.68 -0.56 7.97
CA GLU A 29 22.05 0.59 7.11
C GLU A 29 21.19 0.53 5.83
N ARG A 30 20.54 1.64 5.47
CA ARG A 30 19.75 1.75 4.21
C ARG A 30 20.26 2.98 3.42
N LEU A 31 21.39 2.85 2.72
CA LEU A 31 22.11 3.99 2.09
C LEU A 31 21.37 4.53 0.87
N HIS A 32 20.54 3.73 0.22
CA HIS A 32 19.79 4.08 -1.02
C HIS A 32 18.53 4.87 -0.68
N ASP A 33 18.08 4.87 0.58
CA ASP A 33 16.72 5.37 0.89
C ASP A 33 16.67 6.87 0.58
N THR A 34 15.56 7.28 0.00
CA THR A 34 15.32 8.68 -0.46
C THR A 34 15.18 9.56 0.78
N PRO A 35 15.35 10.88 0.63
CA PRO A 35 15.35 11.75 1.79
C PRO A 35 13.99 11.96 2.42
N TYR A 36 14.01 12.18 3.74
CA TYR A 36 12.84 12.65 4.50
C TYR A 36 12.36 13.98 3.90
N VAL A 37 11.06 14.12 3.80
CA VAL A 37 10.37 15.36 3.36
C VAL A 37 9.45 15.77 4.49
N PRO A 38 9.65 16.96 5.12
CA PRO A 38 8.84 17.33 6.28
C PRO A 38 7.42 17.71 5.89
N PRO A 39 6.51 17.80 6.88
CA PRO A 39 5.17 18.33 6.65
C PRO A 39 5.23 19.68 5.92
N SER A 40 4.22 19.95 5.11
CA SER A 40 4.12 21.19 4.31
C SER A 40 2.65 21.58 4.16
N LEU A 41 2.37 22.88 4.24
CA LEU A 41 1.04 23.44 3.98
C LEU A 41 1.02 24.06 2.58
N GLU A 42 0.11 23.59 1.74
CA GLU A 42 -0.16 24.16 0.40
C GLU A 42 1.13 24.18 -0.41
N ASP A 43 1.64 22.99 -0.67
CA ASP A 43 2.81 22.76 -1.54
C ASP A 43 2.69 23.64 -2.78
N PRO A 44 3.70 24.48 -3.10
CA PRO A 44 3.61 25.34 -4.27
C PRO A 44 3.29 24.63 -5.60
N ALA A 45 3.90 23.48 -5.84
CA ALA A 45 3.75 22.73 -7.12
C ALA A 45 2.32 22.17 -7.25
N THR A 46 1.75 21.63 -6.18
CA THR A 46 0.53 20.77 -6.27
C THR A 46 -0.64 21.31 -5.45
N GLY A 47 -0.41 22.21 -4.48
CA GLY A 47 -1.49 22.69 -3.58
C GLY A 47 -1.77 21.72 -2.45
N VAL A 48 -1.16 20.53 -2.45
CA VAL A 48 -1.46 19.50 -1.43
C VAL A 48 -0.79 19.91 -0.11
N SER A 49 -1.41 19.53 1.01
CA SER A 49 -0.86 19.70 2.37
C SER A 49 -0.70 18.32 2.99
N TRP A 50 0.26 18.13 3.88
CA TRP A 50 0.40 16.84 4.59
C TRP A 50 0.95 17.01 6.00
N LYS A 51 0.79 15.96 6.80
N LYS A 51 0.64 16.03 6.84
CA LYS A 51 0.89 16.00 8.27
CA LYS A 51 0.95 16.02 8.28
C LYS A 51 1.11 14.57 8.74
C LYS A 51 1.18 14.57 8.70
N ASP A 52 1.96 14.34 9.74
CA ASP A 52 2.31 12.99 10.24
C ASP A 52 1.64 12.77 11.59
N VAL A 53 0.77 11.79 11.67
CA VAL A 53 -0.14 11.63 12.84
C VAL A 53 0.13 10.31 13.50
N PRO A 54 -0.03 10.27 14.83
CA PRO A 54 0.16 9.05 15.61
C PRO A 54 -1.13 8.22 15.61
N ILE A 55 -0.97 6.92 15.42
CA ILE A 55 -2.12 5.98 15.45
C ILE A 55 -2.02 5.04 16.65
N SER A 56 -0.81 4.59 16.95
CA SER A 56 -0.52 3.78 18.15
C SER A 56 0.88 4.15 18.64
N SER A 57 1.40 3.44 19.62
CA SER A 57 2.78 3.66 20.08
C SER A 57 3.74 3.20 18.98
N ASP A 58 3.28 2.36 18.02
CA ASP A 58 4.12 1.66 17.03
C ASP A 58 3.81 2.08 15.58
N VAL A 59 2.69 2.75 15.35
CA VAL A 59 2.18 3.03 13.99
C VAL A 59 1.83 4.51 13.85
N SER A 60 2.17 5.08 12.70
CA SER A 60 1.82 6.46 12.30
C SER A 60 1.48 6.50 10.83
N ALA A 61 1.03 7.64 10.35
CA ALA A 61 0.68 7.79 8.93
C ALA A 61 0.88 9.24 8.49
N ARG A 62 1.19 9.41 7.22
CA ARG A 62 1.15 10.73 6.57
C ARG A 62 -0.24 10.93 5.99
N VAL A 63 -0.95 11.94 6.46
N VAL A 63 -0.95 11.94 6.44
CA VAL A 63 -2.28 12.33 5.92
CA VAL A 63 -2.29 12.29 5.89
C VAL A 63 -2.09 13.47 4.91
C VAL A 63 -2.14 13.49 4.95
N TYR A 64 -2.89 13.46 3.85
CA TYR A 64 -2.78 14.42 2.73
C TYR A 64 -4.14 15.05 2.51
N LEU A 65 -4.14 16.34 2.24
CA LEU A 65 -5.36 17.10 1.87
C LEU A 65 -5.05 17.87 0.61
N PRO A 66 -5.79 17.65 -0.49
CA PRO A 66 -5.62 18.45 -1.70
C PRO A 66 -6.16 19.86 -1.49
N LYS A 67 -5.86 20.78 -2.42
CA LYS A 67 -6.48 22.12 -2.39
C LYS A 67 -7.95 21.94 -2.78
N ILE A 68 -8.90 22.32 -1.92
CA ILE A 68 -10.37 22.15 -2.14
C ILE A 68 -11.02 23.51 -2.42
N SER A 69 -11.83 23.63 -3.48
CA SER A 69 -12.56 24.88 -3.85
C SER A 69 -13.89 24.95 -3.08
N GLU A 70 -14.38 26.15 -2.77
CA GLU A 70 -15.65 26.36 -2.03
C GLU A 70 -16.79 25.64 -2.77
N ALA A 71 -16.70 25.58 -4.11
CA ALA A 71 -17.68 24.96 -5.02
C ALA A 71 -17.74 23.44 -4.83
N GLU A 72 -16.61 22.80 -4.46
CA GLU A 72 -16.46 21.33 -4.30
C GLU A 72 -16.94 20.95 -2.89
N LYS A 73 -18.25 20.80 -2.72
CA LYS A 73 -18.99 20.89 -1.42
C LYS A 73 -19.09 19.53 -0.72
N LYS A 74 -18.80 18.41 -1.40
CA LYS A 74 -18.98 17.06 -0.80
C LYS A 74 -17.62 16.52 -0.33
N LYS A 75 -17.65 15.69 0.70
CA LYS A 75 -16.45 15.01 1.22
C LYS A 75 -15.85 14.18 0.09
N LEU A 76 -14.54 13.98 0.17
CA LEU A 76 -13.70 13.34 -0.86
C LEU A 76 -13.53 11.85 -0.55
N PRO A 77 -13.21 11.05 -1.59
CA PRO A 77 -12.73 9.70 -1.35
C PRO A 77 -11.51 9.73 -0.45
N ILE A 78 -11.35 8.65 0.32
CA ILE A 78 -10.17 8.42 1.19
C ILE A 78 -9.34 7.32 0.55
N PHE A 79 -8.07 7.57 0.33
CA PHE A 79 -7.10 6.64 -0.27
C PHE A 79 -6.04 6.28 0.76
N VAL A 80 -6.09 5.05 1.27
CA VAL A 80 -5.16 4.50 2.28
C VAL A 80 -4.09 3.71 1.56
N TYR A 81 -2.84 4.14 1.67
CA TYR A 81 -1.71 3.62 0.90
C TYR A 81 -0.76 2.83 1.79
N PHE A 82 -0.33 1.68 1.32
CA PHE A 82 0.71 0.85 1.95
C PHE A 82 1.89 0.75 0.98
N HIS A 83 2.97 1.45 1.26
CA HIS A 83 4.12 1.53 0.33
C HIS A 83 4.79 0.15 0.19
N GLY A 84 5.51 -0.01 -0.91
CA GLY A 84 6.31 -1.22 -1.15
C GLY A 84 7.78 -1.02 -0.83
N ALA A 85 8.66 -1.58 -1.64
CA ALA A 85 10.13 -1.61 -1.47
C ALA A 85 10.52 -2.67 -0.42
N GLY A 86 10.32 -3.93 -0.75
CA GLY A 86 11.00 -5.07 -0.12
C GLY A 86 10.45 -5.55 1.22
N PHE A 87 9.48 -4.87 1.84
CA PHE A 87 9.09 -5.04 3.27
C PHE A 87 10.20 -4.49 4.18
N CYS A 88 11.28 -3.93 3.62
CA CYS A 88 12.50 -3.64 4.42
C CYS A 88 13.08 -2.25 4.12
N LEU A 89 12.46 -1.43 3.28
CA LEU A 89 13.04 -0.14 2.84
C LEU A 89 11.98 0.96 2.84
N GLU A 90 12.47 2.19 2.88
CA GLU A 90 11.72 3.43 2.57
C GLU A 90 10.70 3.71 3.68
N SER A 91 9.85 4.68 3.44
CA SER A 91 9.01 5.30 4.46
C SER A 91 7.89 6.06 3.77
N ALA A 92 6.76 6.19 4.42
CA ALA A 92 5.69 7.11 4.01
C ALA A 92 6.19 8.56 4.03
N PHE A 93 7.26 8.82 4.79
CA PHE A 93 7.75 10.20 5.04
C PHE A 93 8.93 10.55 4.13
N LYS A 94 9.41 9.61 3.32
CA LYS A 94 10.56 9.80 2.41
C LYS A 94 10.06 10.11 1.00
N SER A 95 10.92 10.75 0.22
N SER A 95 10.90 10.76 0.19
CA SER A 95 10.55 11.41 -1.06
CA SER A 95 10.46 11.44 -1.05
C SER A 95 9.89 10.44 -2.04
C SER A 95 9.92 10.46 -2.11
N PHE A 96 10.41 9.22 -2.19
CA PHE A 96 9.94 8.31 -3.28
C PHE A 96 8.43 8.10 -3.16
N PHE A 97 7.97 7.53 -2.07
CA PHE A 97 6.53 7.23 -1.90
C PHE A 97 5.74 8.50 -1.61
N HIS A 98 6.32 9.41 -0.83
CA HIS A 98 5.59 10.65 -0.50
C HIS A 98 5.25 11.40 -1.80
N THR A 99 6.20 11.51 -2.73
CA THR A 99 5.98 12.33 -3.95
C THR A 99 4.87 11.68 -4.79
N TYR A 100 4.92 10.35 -4.88
CA TYR A 100 3.91 9.59 -5.64
C TYR A 100 2.52 9.79 -5.04
N VAL A 101 2.40 9.60 -3.73
CA VAL A 101 1.08 9.75 -3.05
C VAL A 101 0.60 11.18 -3.22
N LYS A 102 1.50 12.17 -3.03
CA LYS A 102 1.14 13.58 -3.26
C LYS A 102 0.49 13.75 -4.64
N HIS A 103 1.10 13.20 -5.68
CA HIS A 103 0.56 13.32 -7.06
C HIS A 103 -0.79 12.58 -7.21
N VAL A 104 -0.94 11.42 -6.59
CA VAL A 104 -2.22 10.67 -6.69
C VAL A 104 -3.31 11.49 -5.99
N VAL A 105 -3.00 12.07 -4.83
CA VAL A 105 -3.97 12.90 -4.07
C VAL A 105 -4.34 14.13 -4.90
N ALA A 106 -3.36 14.80 -5.52
CA ALA A 106 -3.62 16.03 -6.31
C ALA A 106 -4.52 15.71 -7.50
N GLU A 107 -4.27 14.61 -8.19
CA GLU A 107 -5.02 14.25 -9.41
C GLU A 107 -6.43 13.77 -9.01
N THR A 108 -6.50 12.89 -8.01
CA THR A 108 -7.76 12.22 -7.58
C THR A 108 -8.67 13.22 -6.86
N LYS A 109 -8.09 14.14 -6.07
CA LYS A 109 -8.84 14.95 -5.08
C LYS A 109 -9.40 13.99 -4.05
N ALA A 110 -8.49 13.46 -3.24
CA ALA A 110 -8.78 12.47 -2.20
C ALA A 110 -8.05 12.90 -0.92
N VAL A 111 -8.60 12.50 0.21
CA VAL A 111 -7.83 12.51 1.48
C VAL A 111 -6.91 11.29 1.45
N GLY A 112 -5.61 11.50 1.50
CA GLY A 112 -4.63 10.41 1.52
C GLY A 112 -4.27 10.03 2.94
N VAL A 113 -3.98 8.77 3.17
CA VAL A 113 -3.45 8.21 4.43
C VAL A 113 -2.38 7.20 4.08
N SER A 114 -1.11 7.57 4.12
CA SER A 114 0.03 6.72 3.73
C SER A 114 0.67 6.15 4.99
N VAL A 115 0.61 4.86 5.19
CA VAL A 115 0.88 4.21 6.49
C VAL A 115 2.39 4.01 6.67
N GLU A 116 2.89 4.47 7.83
CA GLU A 116 4.27 4.17 8.25
C GLU A 116 4.25 2.93 9.12
N TYR A 117 4.41 1.79 8.47
CA TYR A 117 4.44 0.49 9.16
C TYR A 117 5.88 0.12 9.51
N ARG A 118 6.03 -0.77 10.47
CA ARG A 118 7.35 -1.25 10.93
C ARG A 118 7.98 -2.14 9.86
N LEU A 119 9.27 -1.94 9.61
CA LEU A 119 10.02 -2.65 8.56
C LEU A 119 10.77 -3.86 9.14
N ALA A 120 10.92 -4.86 8.28
CA ALA A 120 11.93 -5.91 8.46
C ALA A 120 13.31 -5.36 8.14
N PRO A 121 14.40 -5.94 8.66
CA PRO A 121 14.38 -7.10 9.57
C PRO A 121 14.18 -6.76 11.06
N GLU A 122 14.15 -5.48 11.41
CA GLU A 122 13.99 -5.08 12.83
C GLU A 122 12.67 -5.66 13.36
N HIS A 123 11.63 -5.61 12.54
CA HIS A 123 10.27 -6.09 12.90
C HIS A 123 9.80 -7.01 11.78
N PRO A 124 10.08 -8.33 11.86
CA PRO A 124 9.66 -9.25 10.83
C PRO A 124 8.14 -9.22 10.64
N LEU A 125 7.70 -9.65 9.46
CA LEU A 125 6.26 -9.94 9.29
C LEU A 125 5.91 -10.97 10.36
N PRO A 126 4.69 -10.94 10.91
CA PRO A 126 3.59 -10.14 10.36
C PRO A 126 3.40 -8.69 10.87
N ALA A 127 4.43 -8.08 11.45
CA ALA A 127 4.32 -6.69 11.95
C ALA A 127 3.70 -5.76 10.90
N ALA A 128 4.21 -5.73 9.66
CA ALA A 128 3.69 -4.78 8.65
C ALA A 128 2.19 -5.01 8.45
N TYR A 129 1.78 -6.29 8.41
CA TYR A 129 0.36 -6.60 8.16
C TYR A 129 -0.49 -6.07 9.32
N GLU A 130 -0.03 -6.28 10.56
CA GLU A 130 -0.79 -5.82 11.77
C GLU A 130 -0.84 -4.28 11.78
N ASP A 131 0.25 -3.64 11.41
CA ASP A 131 0.34 -2.17 11.45
C ASP A 131 -0.58 -1.55 10.40
N CYS A 132 -0.69 -2.19 9.22
CA CYS A 132 -1.55 -1.64 8.16
C CYS A 132 -3.01 -1.87 8.53
N TRP A 133 -3.33 -3.01 9.15
CA TRP A 133 -4.69 -3.23 9.70
C TRP A 133 -5.00 -2.17 10.76
N THR A 134 -4.08 -1.95 11.70
CA THR A 134 -4.25 -0.93 12.76
C THR A 134 -4.57 0.43 12.12
N ALA A 135 -3.83 0.80 11.08
CA ALA A 135 -4.04 2.10 10.40
C ALA A 135 -5.39 2.14 9.69
N LEU A 136 -5.79 1.05 8.99
CA LEU A 136 -7.10 1.07 8.32
C LEU A 136 -8.22 1.16 9.35
N GLN A 137 -8.11 0.44 10.46
CA GLN A 137 -9.12 0.52 11.54
C GLN A 137 -9.15 1.95 12.11
N TRP A 138 -7.99 2.59 12.25
CA TRP A 138 -7.98 3.98 12.72
C TRP A 138 -8.74 4.89 11.74
N VAL A 139 -8.57 4.68 10.43
CA VAL A 139 -9.39 5.46 9.46
C VAL A 139 -10.88 5.19 9.73
N ALA A 140 -11.27 3.92 9.75
CA ALA A 140 -12.69 3.54 9.96
C ALA A 140 -13.24 4.13 11.25
N SER A 141 -12.41 4.35 12.27
CA SER A 141 -12.85 4.83 13.60
C SER A 141 -13.39 6.27 13.50
N HIS A 142 -13.23 6.95 12.38
CA HIS A 142 -13.79 8.31 12.17
C HIS A 142 -15.29 8.24 11.86
N VAL A 143 -15.86 7.05 11.68
CA VAL A 143 -17.27 6.94 11.23
C VAL A 143 -18.19 7.69 12.21
N GLY A 144 -19.02 8.57 11.67
CA GLY A 144 -20.05 9.31 12.42
C GLY A 144 -19.49 10.42 13.29
N LEU A 145 -18.18 10.65 13.32
CA LEU A 145 -17.61 11.70 14.21
C LEU A 145 -17.83 13.08 13.59
N ASP A 146 -17.99 14.06 14.46
CA ASP A 146 -17.93 15.49 14.06
C ASP A 146 -16.78 16.14 14.84
N ASN A 147 -16.63 17.45 14.70
CA ASN A 147 -15.47 18.17 15.28
C ASN A 147 -15.53 18.11 16.81
N SER A 148 -16.72 18.01 17.39
CA SER A 148 -16.89 17.97 18.87
C SER A 148 -16.21 16.74 19.47
N SER A 149 -15.99 15.69 18.66
N SER A 149 -15.98 15.69 18.67
CA SER A 149 -15.32 14.43 19.09
CA SER A 149 -15.34 14.44 19.13
C SER A 149 -13.90 14.72 19.58
C SER A 149 -13.87 14.69 19.54
N LEU A 150 -13.28 15.79 19.07
CA LEU A 150 -11.86 16.08 19.33
C LEU A 150 -11.64 16.54 20.77
N LYS A 151 -12.68 16.94 21.49
CA LYS A 151 -12.60 17.35 22.93
C LYS A 151 -12.05 16.17 23.75
N ASN A 152 -12.40 14.92 23.39
CA ASN A 152 -12.11 13.71 24.22
C ASN A 152 -11.40 12.60 23.44
N ALA A 153 -11.22 12.73 22.14
CA ALA A 153 -10.51 11.72 21.33
C ALA A 153 -9.23 12.38 20.80
N ILE A 154 -8.10 12.03 21.39
CA ILE A 154 -6.80 12.74 21.12
C ILE A 154 -6.23 12.34 19.77
N ASP A 155 -6.72 11.27 19.14
CA ASP A 155 -6.02 10.64 18.00
C ASP A 155 -6.77 10.88 16.68
N LYS A 156 -7.92 11.54 16.70
CA LYS A 156 -8.75 11.66 15.48
C LYS A 156 -8.26 12.82 14.61
N GLU A 157 -8.41 12.70 13.32
CA GLU A 157 -7.83 13.61 12.30
C GLU A 157 -8.93 14.49 11.74
N PRO A 158 -8.88 15.81 11.98
CA PRO A 158 -9.86 16.73 11.41
C PRO A 158 -10.02 16.62 9.89
N TRP A 159 -8.94 16.34 9.16
CA TRP A 159 -9.05 16.29 7.69
C TRP A 159 -10.00 15.16 7.28
N ILE A 160 -10.02 14.05 8.04
CA ILE A 160 -10.94 12.94 7.72
C ILE A 160 -12.35 13.35 8.15
N ILE A 161 -12.50 13.89 9.36
CA ILE A 161 -13.82 14.31 9.91
C ILE A 161 -14.49 15.28 8.92
N ASN A 162 -13.73 16.26 8.41
CA ASN A 162 -14.32 17.37 7.62
C ASN A 162 -14.31 17.09 6.12
N HIS A 163 -13.36 16.29 5.61
CA HIS A 163 -13.14 16.21 4.15
C HIS A 163 -13.13 14.79 3.60
N GLY A 164 -13.23 13.77 4.45
CA GLY A 164 -13.15 12.36 4.01
C GLY A 164 -14.47 11.64 4.10
N ASP A 165 -14.85 10.99 3.00
CA ASP A 165 -16.11 10.23 2.90
C ASP A 165 -15.83 8.74 3.14
N LEU A 166 -16.24 8.22 4.29
CA LEU A 166 -16.01 6.79 4.62
C LEU A 166 -16.89 5.86 3.76
N ASN A 167 -17.83 6.40 2.99
CA ASN A 167 -18.55 5.61 1.96
C ASN A 167 -17.68 5.47 0.69
N LYS A 168 -16.53 6.15 0.63
CA LYS A 168 -15.64 6.13 -0.56
C LYS A 168 -14.22 5.79 -0.11
N LEU A 169 -14.07 4.66 0.58
CA LEU A 169 -12.78 4.23 1.17
C LEU A 169 -12.06 3.27 0.21
N TYR A 170 -10.85 3.63 -0.18
CA TYR A 170 -10.01 2.86 -1.13
C TYR A 170 -8.68 2.50 -0.48
N LEU A 171 -8.13 1.35 -0.82
CA LEU A 171 -6.75 0.97 -0.51
C LEU A 171 -5.89 1.06 -1.76
N GLY A 172 -4.61 1.19 -1.54
CA GLY A 172 -3.61 1.10 -2.61
C GLY A 172 -2.31 0.54 -2.05
N GLY A 173 -1.53 -0.12 -2.88
CA GLY A 173 -0.20 -0.60 -2.50
C GLY A 173 0.54 -1.03 -3.72
N ASP A 174 1.86 -0.90 -3.70
CA ASP A 174 2.76 -1.36 -4.77
C ASP A 174 3.67 -2.46 -4.20
N SER A 175 4.00 -3.45 -5.00
CA SER A 175 5.04 -4.46 -4.69
C SER A 175 4.69 -5.05 -3.31
N PRO A 176 5.55 -5.15 -2.28
CA PRO A 176 5.07 -5.68 -1.00
C PRO A 176 3.85 -4.96 -0.43
N GLY A 177 3.69 -3.66 -0.71
CA GLY A 177 2.49 -2.92 -0.29
C GLY A 177 1.23 -3.51 -0.92
N GLY A 178 1.33 -3.97 -2.16
CA GLY A 178 0.24 -4.69 -2.84
C GLY A 178 -0.06 -6.03 -2.15
N ASN A 179 0.98 -6.72 -1.71
CA ASN A 179 0.87 -7.93 -0.87
C ASN A 179 0.12 -7.58 0.42
N ILE A 180 0.50 -6.46 1.04
CA ILE A 180 -0.21 -6.04 2.27
C ILE A 180 -1.70 -5.78 1.94
N VAL A 181 -2.00 -5.09 0.84
CA VAL A 181 -3.43 -4.89 0.43
C VAL A 181 -4.14 -6.25 0.35
N HIS A 182 -3.52 -7.24 -0.29
CA HIS A 182 -4.14 -8.58 -0.42
C HIS A 182 -4.47 -9.14 0.98
N ASN A 183 -3.49 -9.12 1.88
CA ASN A 183 -3.66 -9.73 3.22
C ASN A 183 -4.70 -8.94 4.03
N VAL A 184 -4.69 -7.61 3.90
CA VAL A 184 -5.70 -6.78 4.60
C VAL A 184 -7.11 -7.06 4.04
N LEU A 185 -7.23 -7.26 2.72
CA LEU A 185 -8.55 -7.58 2.11
C LEU A 185 -9.06 -8.93 2.60
N ILE A 186 -8.19 -9.92 2.76
CA ILE A 186 -8.61 -11.23 3.35
C ILE A 186 -9.07 -11.00 4.79
N ARG A 187 -8.32 -10.23 5.56
CA ARG A 187 -8.74 -9.99 6.96
C ARG A 187 -10.09 -9.25 7.00
N ALA A 188 -10.29 -8.27 6.11
CA ALA A 188 -11.53 -7.45 6.06
C ALA A 188 -12.75 -8.34 5.72
N GLY A 189 -12.56 -9.45 5.01
CA GLY A 189 -13.65 -10.41 4.75
C GLY A 189 -14.02 -11.25 5.97
N LYS A 190 -13.08 -11.41 6.91
CA LYS A 190 -13.19 -12.23 8.14
C LYS A 190 -13.60 -11.40 9.37
N GLU A 191 -13.33 -10.09 9.36
CA GLU A 191 -13.46 -9.17 10.53
C GLU A 191 -13.98 -7.84 10.02
N SER A 192 -15.19 -7.44 10.41
CA SER A 192 -15.74 -6.13 10.01
C SER A 192 -14.87 -5.01 10.60
N LEU A 193 -14.69 -3.95 9.83
CA LEU A 193 -14.10 -2.70 10.33
C LEU A 193 -15.08 -2.02 11.28
N HIS A 194 -14.55 -1.10 12.09
CA HIS A 194 -15.39 -0.32 13.03
C HIS A 194 -16.63 0.25 12.34
N GLY A 195 -17.79 0.16 12.99
CA GLY A 195 -19.01 0.87 12.60
C GLY A 195 -19.58 0.41 11.26
N GLY A 196 -19.16 -0.75 10.77
CA GLY A 196 -19.63 -1.31 9.50
C GLY A 196 -19.02 -0.60 8.29
N VAL A 197 -17.98 0.21 8.50
CA VAL A 197 -17.25 0.83 7.36
C VAL A 197 -16.82 -0.29 6.42
N LYS A 198 -16.98 -0.07 5.11
CA LYS A 198 -16.50 -1.06 4.12
C LYS A 198 -15.47 -0.41 3.20
N ILE A 199 -14.55 -1.24 2.75
CA ILE A 199 -13.59 -0.88 1.67
C ILE A 199 -14.37 -0.91 0.37
N ARG A 200 -14.46 0.21 -0.33
CA ARG A 200 -15.16 0.26 -1.64
C ARG A 200 -14.30 -0.39 -2.72
N GLY A 201 -13.01 -0.13 -2.73
CA GLY A 201 -12.13 -0.64 -3.79
C GLY A 201 -10.68 -0.69 -3.34
N ALA A 202 -9.84 -1.33 -4.11
CA ALA A 202 -8.40 -1.42 -3.83
C ALA A 202 -7.64 -1.44 -5.15
N ILE A 203 -6.45 -0.83 -5.15
CA ILE A 203 -5.51 -0.75 -6.29
C ILE A 203 -4.24 -1.50 -5.91
N LEU A 204 -3.99 -2.64 -6.52
CA LEU A 204 -2.76 -3.44 -6.31
C LEU A 204 -1.86 -3.25 -7.53
N TYR A 205 -0.82 -2.46 -7.39
CA TYR A 205 0.16 -2.22 -8.47
C TYR A 205 1.34 -3.18 -8.27
N TYR A 206 1.58 -4.06 -9.22
CA TYR A 206 2.82 -4.88 -9.22
C TYR A 206 2.88 -5.66 -7.92
N PRO A 207 1.78 -6.32 -7.49
CA PRO A 207 1.77 -6.94 -6.18
C PRO A 207 2.83 -8.03 -6.03
N TYR A 208 3.46 -8.09 -4.87
CA TYR A 208 4.50 -9.09 -4.56
C TYR A 208 3.84 -10.40 -4.15
N PHE A 209 3.80 -11.34 -5.09
CA PHE A 209 3.31 -12.72 -4.87
C PHE A 209 4.37 -13.69 -5.38
N LEU A 210 4.44 -14.86 -4.74
CA LEU A 210 5.27 -15.98 -5.24
C LEU A 210 4.34 -17.13 -5.56
N ILE A 211 4.16 -17.37 -6.85
CA ILE A 211 3.35 -18.48 -7.40
C ILE A 211 4.25 -19.21 -8.39
N ARG A 212 4.19 -20.55 -8.41
CA ARG A 212 5.05 -21.37 -9.28
C ARG A 212 4.54 -21.27 -10.73
N THR A 213 5.33 -20.65 -11.61
CA THR A 213 5.08 -20.63 -13.08
C THR A 213 5.39 -22.02 -13.65
N SER A 214 4.78 -22.36 -14.78
CA SER A 214 4.96 -23.69 -15.40
C SER A 214 6.39 -23.83 -15.94
N LYS A 215 7.00 -22.72 -16.37
CA LYS A 215 8.38 -22.65 -16.91
C LYS A 215 9.28 -21.86 -15.95
N ARG A 216 10.48 -22.38 -15.66
CA ARG A 216 11.49 -21.63 -14.86
C ARG A 216 11.66 -20.24 -15.48
N GLN A 217 11.74 -19.21 -14.63
CA GLN A 217 11.97 -17.81 -15.07
C GLN A 217 13.46 -17.49 -14.94
N SER A 218 13.82 -16.22 -15.09
CA SER A 218 15.21 -15.73 -14.96
C SER A 218 15.73 -16.05 -13.55
N ASP A 219 17.03 -16.09 -13.41
CA ASP A 219 17.70 -16.23 -12.09
C ASP A 219 17.25 -15.13 -11.14
N TYR A 220 17.01 -13.91 -11.64
CA TYR A 220 16.53 -12.81 -10.78
C TYR A 220 15.19 -13.23 -10.15
N MET A 221 14.28 -13.78 -10.94
CA MET A 221 12.95 -14.16 -10.40
C MET A 221 13.08 -15.37 -9.48
N GLU A 222 13.93 -16.33 -9.83
CA GLU A 222 14.01 -17.61 -9.09
C GLU A 222 14.80 -17.46 -7.80
N ILE A 223 15.66 -16.44 -7.71
CA ILE A 223 16.58 -16.24 -6.55
C ILE A 223 16.24 -14.91 -5.88
N ASP A 224 16.66 -13.80 -6.48
CA ASP A 224 16.59 -12.47 -5.82
C ASP A 224 15.15 -12.17 -5.39
N TYR A 225 14.20 -12.37 -6.29
CA TYR A 225 12.80 -11.93 -6.09
C TYR A 225 12.20 -12.72 -4.93
N ARG A 226 12.57 -14.01 -4.80
CA ARG A 226 12.11 -14.87 -3.68
C ARG A 226 12.78 -14.49 -2.36
N GLY A 227 13.98 -13.94 -2.42
CA GLY A 227 14.79 -13.65 -1.24
C GLY A 227 14.13 -12.64 -0.32
N TYR A 228 13.35 -11.70 -0.85
CA TYR A 228 12.69 -10.66 0.01
C TYR A 228 11.78 -11.33 1.04
N TRP A 229 11.10 -12.40 0.67
CA TRP A 229 10.18 -13.09 1.62
C TRP A 229 10.98 -13.70 2.77
N LYS A 230 12.13 -14.31 2.48
CA LYS A 230 12.97 -14.95 3.53
C LYS A 230 13.51 -13.86 4.48
N LEU A 231 13.87 -12.70 3.95
CA LEU A 231 14.34 -11.58 4.79
C LEU A 231 13.17 -11.07 5.64
N ALA A 232 11.98 -10.93 5.05
CA ALA A 232 10.82 -10.27 5.68
C ALA A 232 10.21 -11.20 6.74
N TYR A 233 10.15 -12.49 6.45
CA TYR A 233 9.44 -13.46 7.33
C TYR A 233 10.28 -14.72 7.46
N PRO A 234 11.42 -14.66 8.18
CA PRO A 234 12.34 -15.78 8.26
C PRO A 234 11.72 -17.10 8.75
N SER A 235 10.77 -17.05 9.67
CA SER A 235 10.15 -18.26 10.27
C SER A 235 8.83 -18.64 9.58
N ALA A 236 8.50 -18.05 8.43
CA ALA A 236 7.21 -18.28 7.73
C ALA A 236 6.96 -19.78 7.59
N PRO A 237 5.89 -20.33 8.20
CA PRO A 237 5.48 -21.71 7.92
C PRO A 237 5.28 -21.93 6.41
N GLY A 238 5.93 -22.96 5.86
CA GLY A 238 5.86 -23.27 4.42
C GLY A 238 6.75 -22.39 3.55
N GLY A 239 7.54 -21.50 4.13
CA GLY A 239 8.50 -20.70 3.35
C GLY A 239 7.79 -19.88 2.29
N THR A 240 8.24 -20.01 1.04
CA THR A 240 7.66 -19.25 -0.09
C THR A 240 6.28 -19.78 -0.49
N ASP A 241 5.82 -20.88 0.11
CA ASP A 241 4.42 -21.37 -0.11
C ASP A 241 3.51 -20.93 1.02
N ASN A 242 4.01 -20.10 1.95
CA ASN A 242 3.13 -19.56 3.00
C ASN A 242 1.99 -18.83 2.29
N PRO A 243 0.72 -18.99 2.72
CA PRO A 243 -0.41 -18.35 2.03
C PRO A 243 -0.33 -16.82 1.97
N MET A 244 0.41 -16.19 2.88
CA MET A 244 0.51 -14.72 2.88
C MET A 244 1.36 -14.24 1.72
N ILE A 245 2.19 -15.10 1.12
CA ILE A 245 3.01 -14.72 -0.08
C ILE A 245 2.54 -15.48 -1.33
N ASN A 246 2.04 -16.70 -1.19
CA ASN A 246 1.52 -17.52 -2.31
C ASN A 246 0.01 -17.63 -2.15
N PRO A 247 -0.77 -16.76 -2.81
CA PRO A 247 -2.21 -16.71 -2.55
C PRO A 247 -2.96 -17.91 -3.15
N VAL A 248 -2.26 -18.78 -3.89
CA VAL A 248 -2.88 -20.02 -4.43
C VAL A 248 -2.25 -21.26 -3.79
N ALA A 249 -1.56 -21.14 -2.66
CA ALA A 249 -1.08 -22.29 -1.86
C ALA A 249 -2.26 -23.18 -1.44
N LYS A 250 -1.99 -24.47 -1.23
CA LYS A 250 -3.02 -25.48 -0.91
C LYS A 250 -3.89 -24.96 0.26
N ASN A 251 -3.26 -24.44 1.31
CA ASN A 251 -4.00 -24.07 2.55
C ASN A 251 -4.46 -22.60 2.49
N ALA A 252 -4.46 -21.93 1.33
CA ALA A 252 -4.59 -20.46 1.29
C ALA A 252 -6.04 -20.03 1.49
N PRO A 253 -6.27 -18.89 2.17
CA PRO A 253 -7.62 -18.35 2.30
C PRO A 253 -8.26 -18.10 0.93
N ASP A 254 -9.56 -18.35 0.86
CA ASP A 254 -10.36 -18.21 -0.38
C ASP A 254 -10.33 -16.74 -0.84
N LEU A 255 -9.93 -16.47 -2.07
CA LEU A 255 -9.96 -15.10 -2.67
C LEU A 255 -11.41 -14.58 -2.70
N ALA A 256 -12.41 -15.47 -2.75
CA ALA A 256 -13.83 -15.04 -2.70
C ALA A 256 -14.10 -14.21 -1.44
N GLY A 257 -13.30 -14.41 -0.39
CA GLY A 257 -13.46 -13.74 0.91
C GLY A 257 -12.90 -12.34 0.94
N TYR A 258 -12.33 -11.80 -0.14
CA TYR A 258 -11.85 -10.39 -0.15
C TYR A 258 -12.97 -9.46 0.31
N GLY A 259 -12.66 -8.59 1.27
CA GLY A 259 -13.63 -7.65 1.87
C GLY A 259 -13.72 -6.36 1.11
N CYS A 260 -13.81 -6.40 -0.23
N CYS A 260 -14.13 -6.49 -0.15
CA CYS A 260 -14.10 -5.22 -1.10
CA CYS A 260 -14.16 -5.37 -1.11
C CYS A 260 -14.80 -5.69 -2.38
C CYS A 260 -15.05 -5.75 -2.29
N SER A 261 -15.45 -4.75 -3.09
CA SER A 261 -16.37 -4.94 -4.25
C SER A 261 -15.69 -4.63 -5.57
N ARG A 262 -14.56 -3.95 -5.56
CA ARG A 262 -13.91 -3.41 -6.79
C ARG A 262 -12.40 -3.55 -6.62
N LEU A 263 -11.72 -3.97 -7.67
CA LEU A 263 -10.25 -4.13 -7.68
C LEU A 263 -9.71 -3.59 -9.00
N LEU A 264 -8.60 -2.89 -8.91
CA LEU A 264 -7.74 -2.53 -10.05
C LEU A 264 -6.40 -3.21 -9.78
N VAL A 265 -6.01 -4.14 -10.64
CA VAL A 265 -4.72 -4.85 -10.54
C VAL A 265 -3.90 -4.42 -11.75
N SER A 266 -2.70 -3.92 -11.52
CA SER A 266 -1.87 -3.29 -12.56
C SER A 266 -0.52 -4.00 -12.65
N MET A 267 -0.07 -4.23 -13.88
CA MET A 267 1.14 -5.00 -14.23
C MET A 267 1.92 -4.22 -15.28
N VAL A 268 3.24 -4.46 -15.30
CA VAL A 268 4.11 -3.97 -16.40
C VAL A 268 4.73 -5.16 -17.12
N SER A 269 5.44 -4.86 -18.19
CA SER A 269 5.91 -5.86 -19.18
C SER A 269 7.26 -6.44 -18.73
N ASP A 270 7.33 -7.05 -17.54
CA ASP A 270 8.53 -7.76 -17.05
C ASP A 270 8.07 -9.14 -16.53
N GLU A 271 8.98 -9.93 -15.99
CA GLU A 271 8.67 -11.35 -15.68
C GLU A 271 7.66 -11.46 -14.54
N THR A 272 7.50 -10.45 -13.70
CA THR A 272 6.47 -10.52 -12.62
C THR A 272 5.08 -10.68 -13.24
N ARG A 273 4.88 -10.19 -14.47
CA ARG A 273 3.56 -10.27 -15.16
C ARG A 273 3.08 -11.73 -15.21
N ASP A 274 3.98 -12.70 -15.36
CA ASP A 274 3.56 -14.12 -15.49
C ASP A 274 3.00 -14.59 -14.14
N ILE A 275 3.49 -14.08 -13.01
CA ILE A 275 2.98 -14.49 -11.68
C ILE A 275 1.64 -13.76 -11.44
N THR A 276 1.56 -12.48 -11.76
CA THR A 276 0.31 -11.69 -11.58
C THR A 276 -0.81 -12.32 -12.42
N LEU A 277 -0.49 -12.80 -13.62
CA LEU A 277 -1.51 -13.46 -14.47
C LEU A 277 -2.04 -14.72 -13.77
N LEU A 278 -1.19 -15.48 -13.10
CA LEU A 278 -1.64 -16.67 -12.33
C LEU A 278 -2.54 -16.24 -11.16
N TYR A 279 -2.20 -15.16 -10.48
CA TYR A 279 -3.07 -14.59 -9.44
C TYR A 279 -4.42 -14.20 -10.04
N LEU A 280 -4.41 -13.48 -11.15
CA LEU A 280 -5.66 -13.00 -11.78
C LEU A 280 -6.51 -14.20 -12.23
N GLU A 281 -5.88 -15.25 -12.76
CA GLU A 281 -6.61 -16.48 -13.17
C GLU A 281 -7.32 -17.05 -11.94
N ALA A 282 -6.61 -17.15 -10.81
CA ALA A 282 -7.19 -17.69 -9.56
C ALA A 282 -8.33 -16.79 -9.06
N LEU A 283 -8.13 -15.46 -9.08
CA LEU A 283 -9.18 -14.53 -8.62
C LEU A 283 -10.42 -14.67 -9.49
N LYS A 284 -10.24 -14.75 -10.81
CA LYS A 284 -11.38 -14.86 -11.76
C LYS A 284 -12.14 -16.18 -11.55
N LYS A 285 -11.46 -17.27 -11.16
CA LYS A 285 -12.09 -18.62 -10.97
C LYS A 285 -12.68 -18.73 -9.55
N SER A 286 -12.40 -17.77 -8.67
CA SER A 286 -12.64 -17.92 -7.22
C SER A 286 -14.13 -17.74 -6.87
N GLY A 287 -14.93 -17.06 -7.69
CA GLY A 287 -16.28 -16.64 -7.25
C GLY A 287 -16.26 -15.50 -6.23
N TRP A 288 -15.15 -14.78 -6.15
CA TRP A 288 -15.18 -13.40 -5.63
C TRP A 288 -16.27 -12.64 -6.37
N LYS A 289 -17.19 -12.04 -5.62
CA LYS A 289 -18.30 -11.20 -6.13
C LYS A 289 -17.84 -9.75 -6.22
N GLY A 290 -17.40 -9.29 -7.38
CA GLY A 290 -16.92 -7.91 -7.51
C GLY A 290 -16.47 -7.59 -8.91
N GLU A 291 -16.14 -6.32 -9.15
CA GLU A 291 -15.69 -5.79 -10.45
C GLU A 291 -14.15 -5.79 -10.44
N LEU A 292 -13.53 -6.49 -11.36
CA LEU A 292 -12.06 -6.54 -11.53
C LEU A 292 -11.72 -5.74 -12.80
N GLU A 293 -10.85 -4.76 -12.65
CA GLU A 293 -10.24 -3.98 -13.75
C GLU A 293 -8.75 -4.30 -13.72
N VAL A 294 -8.13 -4.33 -14.90
CA VAL A 294 -6.70 -4.69 -15.08
C VAL A 294 -6.01 -3.61 -15.89
N GLY A 295 -4.92 -3.10 -15.36
CA GLY A 295 -3.94 -2.30 -16.11
C GLY A 295 -2.79 -3.17 -16.55
N ASP A 296 -2.43 -3.08 -17.82
CA ASP A 296 -1.39 -3.95 -18.41
C ASP A 296 -0.55 -3.05 -19.30
N TYR A 297 0.61 -2.63 -18.80
CA TYR A 297 1.40 -1.54 -19.37
C TYR A 297 2.73 -2.05 -19.93
N GLU A 298 3.09 -1.51 -21.09
CA GLU A 298 4.45 -1.63 -21.68
CA GLU A 298 4.46 -1.65 -21.65
C GLU A 298 5.29 -0.53 -21.03
N ALA A 299 6.07 -0.87 -20.02
CA ALA A 299 6.79 0.10 -19.16
C ALA A 299 7.73 -0.62 -18.21
N HIS A 300 8.61 0.15 -17.57
CA HIS A 300 9.43 -0.30 -16.42
C HIS A 300 8.66 0.02 -15.13
N PHE A 301 8.74 -0.88 -14.16
CA PHE A 301 8.05 -0.75 -12.84
C PHE A 301 8.17 0.67 -12.28
N PHE A 302 9.39 1.21 -12.21
CA PHE A 302 9.59 2.51 -11.52
C PHE A 302 8.96 3.68 -12.30
N ASP A 303 8.71 3.52 -13.61
CA ASP A 303 8.21 4.62 -14.48
C ASP A 303 6.83 5.10 -14.00
N LEU A 304 6.00 4.20 -13.45
CA LEU A 304 4.58 4.53 -13.22
C LEU A 304 4.42 5.45 -12.00
N PHE A 305 5.46 5.63 -11.19
CA PHE A 305 5.34 6.44 -9.94
C PHE A 305 5.48 7.95 -10.21
N SER A 306 5.96 8.35 -11.39
CA SER A 306 6.31 9.75 -11.69
C SER A 306 5.47 10.30 -12.85
N PRO A 307 4.72 11.41 -12.66
CA PRO A 307 3.99 12.02 -13.77
C PRO A 307 4.90 12.77 -14.76
N GLU A 308 6.22 12.77 -14.52
CA GLU A 308 7.22 13.30 -15.46
C GLU A 308 7.38 12.34 -16.64
N ASN A 309 6.89 11.10 -16.51
CA ASN A 309 6.82 10.08 -17.60
C ASN A 309 5.38 10.04 -18.14
N GLU A 310 5.20 9.80 -19.45
CA GLU A 310 3.85 9.66 -20.04
C GLU A 310 3.10 8.51 -19.35
N VAL A 311 3.74 7.36 -19.12
CA VAL A 311 3.07 6.15 -18.55
C VAL A 311 2.70 6.45 -17.09
N GLY A 312 3.53 7.21 -16.39
CA GLY A 312 3.24 7.67 -15.02
C GLY A 312 2.00 8.56 -14.98
N LYS A 313 1.93 9.55 -15.87
CA LYS A 313 0.73 10.40 -16.02
C LYS A 313 -0.49 9.51 -16.27
N THR A 314 -0.37 8.54 -17.18
CA THR A 314 -1.47 7.62 -17.53
C THR A 314 -1.90 6.83 -16.30
N TRP A 315 -0.93 6.28 -15.56
CA TRP A 315 -1.20 5.44 -14.37
C TRP A 315 -1.85 6.26 -13.26
N ILE A 316 -1.33 7.46 -12.99
CA ILE A 316 -1.92 8.30 -11.91
C ILE A 316 -3.36 8.67 -12.30
N LYS A 317 -3.59 9.00 -13.57
CA LYS A 317 -4.97 9.28 -14.08
C LYS A 317 -5.84 8.01 -13.96
N ARG A 318 -5.30 6.84 -14.29
CA ARG A 318 -6.06 5.56 -14.18
C ARG A 318 -6.48 5.34 -12.72
N SER A 319 -5.57 5.59 -11.78
CA SER A 319 -5.85 5.45 -10.33
C SER A 319 -6.97 6.42 -9.94
N SER A 320 -6.87 7.69 -10.36
CA SER A 320 -7.87 8.73 -10.08
C SER A 320 -9.24 8.30 -10.64
N ASP A 321 -9.26 7.80 -11.88
CA ASP A 321 -10.54 7.41 -12.55
C ASP A 321 -11.17 6.25 -11.77
N PHE A 322 -10.35 5.31 -11.30
CA PHE A 322 -10.82 4.17 -10.47
C PHE A 322 -11.45 4.66 -9.17
N ILE A 323 -10.74 5.54 -8.44
CA ILE A 323 -11.19 5.98 -7.10
C ILE A 323 -12.47 6.82 -7.23
N ASN A 324 -12.57 7.58 -8.32
CA ASN A 324 -13.68 8.55 -8.56
C ASN A 324 -14.86 7.94 -9.32
N LYS A 325 -14.80 6.66 -9.71
CA LYS A 325 -15.83 6.05 -10.60
C LYS A 325 -17.24 6.23 -9.98
#